data_6F4L
#
_entry.id   6F4L
#
_cell.length_a   55.440
_cell.length_b   49.310
_cell.length_c   61.900
_cell.angle_alpha   90.000
_cell.angle_beta   107.210
_cell.angle_gamma   90.000
#
_symmetry.space_group_name_H-M   'P 1 21 1'
#
loop_
_entity.id
_entity.type
_entity.pdbx_description
1 polymer 'Quinolinate synthase A'
2 non-polymer 'IRON/SULFUR CLUSTER'
3 non-polymer 'QUINOLINIC ACID'
4 non-polymer 'CHLORIDE ION'
5 non-polymer '2-[N-CYCLOHEXYLAMINO]ETHANE SULFONIC ACID'
6 water water
#
_entity_poly.entity_id   1
_entity_poly.type   'polypeptide(L)'
_entity_poly.pdbx_seq_one_letter_code
;MHHHHHHMVDEILKLKKEKGYIILAHNYQIPELQDIADFVGDSLQLARKAMELSEKKILFLGVDFMAELVKILNPDKKVI
VPDRSATCPMANRLTPEIIREYREKFPDAPVVLYVNSTSECKTLADVICTSANAVEVVKKLDSSVVIFGPDRNLGEYVAE
KTGKKVITIPENGHCPVHQFNAESIDAVRKKYPDAKVIVHPECPKPVRDKADYVGSTGQMEKIPERDPSRIFVIGTEIGM
IHKLKKKFPDREFVPLEMAVCVNMKKNTLENTLHALQTESFEVILPKEVIEKAKKPILRMFELMG
;
_entity_poly.pdbx_strand_id   A
#
loop_
_chem_comp.id
_chem_comp.type
_chem_comp.name
_chem_comp.formula
CL non-polymer 'CHLORIDE ION' 'Cl -1'
NHE non-polymer '2-[N-CYCLOHEXYLAMINO]ETHANE SULFONIC ACID' 'C8 H17 N O3 S'
NTM non-polymer 'QUINOLINIC ACID' 'C7 H5 N O4'
SF4 non-polymer 'IRON/SULFUR CLUSTER' 'Fe4 S4'
#
# COMPACT_ATOMS: atom_id res chain seq x y z
N HIS A 4 8.62 29.82 -3.47
CA HIS A 4 8.26 28.83 -4.50
C HIS A 4 7.49 27.68 -3.88
N HIS A 5 8.09 27.01 -2.90
CA HIS A 5 7.39 25.92 -2.24
C HIS A 5 6.36 26.50 -1.31
N HIS A 6 6.68 27.60 -0.63
CA HIS A 6 5.69 28.28 0.20
C HIS A 6 4.59 28.79 -0.73
N HIS A 7 5.00 29.37 -1.85
CA HIS A 7 4.11 29.82 -2.90
C HIS A 7 3.16 28.69 -3.27
N MET A 8 3.71 27.57 -3.70
CA MET A 8 2.89 26.44 -4.06
C MET A 8 2.08 25.91 -2.93
N VAL A 9 2.70 25.66 -1.79
CA VAL A 9 1.95 25.16 -0.64
C VAL A 9 0.84 26.08 -0.22
N ASP A 10 1.06 27.38 -0.25
CA ASP A 10 0.01 28.31 0.19
C ASP A 10 -1.17 28.23 -0.72
N GLU A 11 -0.89 28.17 -2.01
CA GLU A 11 -1.94 28.06 -3.01
C GLU A 11 -2.71 26.75 -2.89
N ILE A 12 -2.00 25.63 -2.72
CA ILE A 12 -2.62 24.32 -2.47
C ILE A 12 -3.54 24.35 -1.23
N LEU A 13 -3.03 24.87 -0.13
CA LEU A 13 -3.82 24.93 1.10
C LEU A 13 -5.01 25.88 0.95
N LYS A 14 -4.86 26.86 0.06
CA LYS A 14 -5.93 27.79 -0.27
C LYS A 14 -7.03 27.11 -1.10
N LEU A 15 -6.65 26.50 -2.22
CA LEU A 15 -7.63 25.92 -3.14
C LEU A 15 -8.31 24.70 -2.54
N LYS A 16 -7.58 23.97 -1.69
CA LYS A 16 -8.12 22.84 -0.94
C LYS A 16 -9.33 23.25 -0.12
N LYS A 17 -9.18 24.30 0.70
CA LYS A 17 -10.25 24.82 1.58
C LYS A 17 -11.37 25.43 0.75
N GLU A 18 -11.00 26.28 -0.20
CA GLU A 18 -11.93 26.94 -1.12
C GLU A 18 -12.85 25.97 -1.91
N LYS A 19 -12.31 24.83 -2.35
CA LYS A 19 -13.10 23.88 -3.15
C LYS A 19 -13.51 22.61 -2.41
N GLY A 20 -13.34 22.58 -1.09
CA GLY A 20 -13.84 21.49 -0.26
C GLY A 20 -13.26 20.11 -0.55
N TYR A 21 -11.95 20.06 -0.81
CA TYR A 21 -11.22 18.79 -0.99
C TYR A 21 -10.53 18.33 0.29
N ILE A 22 -10.62 17.03 0.55
CA ILE A 22 -9.79 16.39 1.54
C ILE A 22 -8.64 15.80 0.78
N ILE A 23 -7.42 15.91 1.31
CA ILE A 23 -6.21 15.36 0.68
C ILE A 23 -5.75 14.13 1.46
N LEU A 24 -5.70 12.99 0.76
CA LEU A 24 -5.24 11.72 1.32
C LEU A 24 -3.94 11.33 0.65
N ALA A 25 -2.87 11.21 1.43
CA ALA A 25 -1.55 10.84 0.87
C ALA A 25 -1.10 9.48 1.35
N HIS A 26 -0.47 8.74 0.46
CA HIS A 26 0.10 7.46 0.82
C HIS A 26 1.45 7.69 1.47
N ASN A 27 1.83 6.79 2.39
CA ASN A 27 3.12 6.82 3.07
C ASN A 27 4.33 6.97 2.15
N TYR A 28 4.19 6.63 0.86
CA TYR A 28 5.34 6.70 -0.04
C TYR A 28 5.49 8.00 -0.82
N GLN A 29 4.65 8.98 -0.51
CA GLN A 29 4.72 10.26 -1.19
C GLN A 29 5.88 11.08 -0.67
N ILE A 30 6.43 11.94 -1.52
CA ILE A 30 7.47 12.92 -1.11
C ILE A 30 7.01 13.66 0.16
N PRO A 31 7.94 14.00 1.07
CA PRO A 31 7.54 14.59 2.35
C PRO A 31 6.75 15.89 2.25
N GLU A 32 6.99 16.68 1.20
CA GLU A 32 6.24 17.92 0.98
C GLU A 32 4.75 17.61 0.79
N LEU A 33 4.44 16.53 0.06
CA LEU A 33 3.05 16.13 -0.15
C LEU A 33 2.43 15.45 1.09
N GLN A 34 3.23 14.71 1.85
CA GLN A 34 2.77 14.21 3.15
C GLN A 34 2.38 15.36 4.06
N ASP A 35 3.20 16.39 4.13
CA ASP A 35 2.92 17.53 5.01
C ASP A 35 1.63 18.32 4.66
N ILE A 36 1.26 18.42 3.38
CA ILE A 36 0.04 19.12 3.01
C ILE A 36 -1.23 18.27 3.05
N ALA A 37 -1.08 16.96 3.28
CA ALA A 37 -2.22 16.03 3.34
C ALA A 37 -3.00 16.15 4.65
N ASP A 38 -4.30 15.81 4.59
CA ASP A 38 -5.15 15.78 5.76
C ASP A 38 -4.97 14.48 6.54
N PHE A 39 -4.64 13.40 5.82
CA PHE A 39 -4.30 12.08 6.40
C PHE A 39 -3.30 11.38 5.52
N VAL A 40 -2.35 10.71 6.15
CA VAL A 40 -1.32 9.95 5.47
C VAL A 40 -1.44 8.53 6.02
N GLY A 41 -1.41 7.55 5.13
CA GLY A 41 -1.56 6.16 5.55
C GLY A 41 -1.29 5.18 4.44
N ASP A 42 -1.57 3.92 4.73
CA ASP A 42 -1.47 2.89 3.70
C ASP A 42 -2.76 2.84 2.89
N SER A 43 -2.78 1.95 1.89
CA SER A 43 -3.86 1.93 0.89
C SER A 43 -5.28 1.81 1.48
N LEU A 44 -5.49 0.78 2.30
CA LEU A 44 -6.79 0.51 2.87
C LEU A 44 -7.18 1.56 3.91
N GLN A 45 -6.24 1.90 4.77
CA GLN A 45 -6.46 2.88 5.81
C GLN A 45 -7.04 4.19 5.25
N LEU A 46 -6.57 4.58 4.07
CA LEU A 46 -6.98 5.82 3.40
C LEU A 46 -8.37 5.72 2.78
N ALA A 47 -8.69 4.54 2.28
CA ALA A 47 -9.99 4.30 1.72
C ALA A 47 -11.02 4.25 2.82
N ARG A 48 -10.68 3.62 3.94
CA ARG A 48 -11.59 3.48 5.08
C ARG A 48 -11.85 4.80 5.74
N LYS A 49 -10.81 5.62 5.80
CA LYS A 49 -10.94 6.92 6.39
C LYS A 49 -11.86 7.73 5.53
N ALA A 50 -11.74 7.55 4.23
CA ALA A 50 -12.54 8.28 3.26
C ALA A 50 -14.02 7.98 3.42
N MET A 51 -14.34 6.74 3.79
CA MET A 51 -15.71 6.32 4.11
C MET A 51 -16.33 7.08 5.28
N GLU A 52 -15.51 7.55 6.23
CA GLU A 52 -16.00 8.28 7.40
C GLU A 52 -16.26 9.76 7.13
N LEU A 53 -15.66 10.30 6.07
CA LEU A 53 -15.70 11.75 5.81
C LEU A 53 -17.05 12.25 5.32
N SER A 54 -17.43 13.46 5.75
CA SER A 54 -18.66 14.11 5.28
CA SER A 54 -18.65 14.10 5.28
C SER A 54 -18.46 14.70 3.88
N GLU A 55 -17.26 15.21 3.61
CA GLU A 55 -16.83 15.78 2.30
C GLU A 55 -17.02 14.77 1.17
N LYS A 56 -17.22 15.29 -0.03
CA LYS A 56 -17.51 14.44 -1.20
C LYS A 56 -16.49 14.71 -2.30
N LYS A 57 -15.41 15.41 -1.99
CA LYS A 57 -14.33 15.66 -2.93
C LYS A 57 -13.00 15.24 -2.32
N ILE A 58 -12.30 14.34 -3.01
CA ILE A 58 -11.04 13.80 -2.52
C ILE A 58 -9.99 14.00 -3.58
N LEU A 59 -8.85 14.51 -3.13
CA LEU A 59 -7.64 14.53 -3.91
C LEU A 59 -6.74 13.42 -3.39
N PHE A 60 -6.52 12.39 -4.21
CA PHE A 60 -5.71 11.25 -3.78
C PHE A 60 -4.27 11.32 -4.29
N LEU A 61 -3.33 11.14 -3.38
CA LEU A 61 -1.90 11.18 -3.67
C LEU A 61 -1.27 9.81 -3.41
N GLY A 62 -1.19 9.03 -4.48
CA GLY A 62 -0.61 7.68 -4.46
C GLY A 62 -0.62 7.14 -5.88
N VAL A 63 -0.99 5.88 -6.06
CA VAL A 63 -0.99 5.32 -7.42
C VAL A 63 -2.38 4.82 -7.80
N ASP A 64 -2.62 4.62 -9.10
CA ASP A 64 -3.98 4.48 -9.60
C ASP A 64 -4.80 3.47 -8.80
N PHE A 65 -4.32 2.24 -8.66
CA PHE A 65 -5.11 1.21 -7.97
C PHE A 65 -5.62 1.67 -6.61
N MET A 66 -4.80 2.45 -5.89
CA MET A 66 -5.21 2.94 -4.58
C MET A 66 -6.35 3.96 -4.69
N ALA A 67 -6.23 4.91 -5.62
CA ALA A 67 -7.28 5.88 -5.88
C ALA A 67 -8.57 5.19 -6.33
N GLU A 68 -8.42 4.07 -7.04
CA GLU A 68 -9.59 3.33 -7.48
C GLU A 68 -10.21 2.63 -6.29
N LEU A 69 -9.37 2.13 -5.39
CA LEU A 69 -9.86 1.57 -4.14
C LEU A 69 -10.68 2.58 -3.34
N VAL A 70 -10.16 3.80 -3.20
CA VAL A 70 -10.92 4.87 -2.58
C VAL A 70 -12.27 5.02 -3.30
N LYS A 71 -12.26 5.08 -4.63
CA LYS A 71 -13.50 5.25 -5.40
C LYS A 71 -14.48 4.09 -5.21
N ILE A 72 -13.99 2.85 -5.20
CA ILE A 72 -14.85 1.67 -5.04
C ILE A 72 -15.63 1.73 -3.70
N LEU A 73 -14.92 2.05 -2.63
CA LEU A 73 -15.51 2.15 -1.30
C LEU A 73 -16.20 3.51 -1.05
N ASN A 74 -16.08 4.44 -1.99
CA ASN A 74 -16.69 5.77 -1.88
C ASN A 74 -17.26 6.22 -3.21
N PRO A 75 -18.20 5.41 -3.78
CA PRO A 75 -18.62 5.63 -5.17
C PRO A 75 -19.20 7.03 -5.45
N ASP A 76 -19.83 7.65 -4.47
CA ASP A 76 -20.51 8.92 -4.70
C ASP A 76 -19.66 10.14 -4.40
N LYS A 77 -18.36 9.92 -4.20
CA LYS A 77 -17.41 10.99 -3.99
C LYS A 77 -16.59 11.24 -5.25
N LYS A 78 -16.28 12.50 -5.52
CA LYS A 78 -15.37 12.85 -6.60
C LYS A 78 -13.94 12.61 -6.15
N VAL A 79 -13.23 11.74 -6.85
CA VAL A 79 -11.84 11.43 -6.54
C VAL A 79 -10.96 11.85 -7.70
N ILE A 80 -10.02 12.76 -7.44
CA ILE A 80 -9.07 13.21 -8.45
C ILE A 80 -7.63 12.87 -8.06
N VAL A 81 -6.79 12.62 -9.07
CA VAL A 81 -5.37 12.34 -8.88
C VAL A 81 -4.56 13.32 -9.74
N PRO A 82 -3.37 13.75 -9.30
CA PRO A 82 -2.64 14.72 -10.12
C PRO A 82 -1.96 14.13 -11.35
N ASP A 83 -1.57 12.85 -11.29
CA ASP A 83 -0.90 12.18 -12.42
C ASP A 83 -1.61 10.86 -12.72
N ARG A 84 -2.42 10.88 -13.78
CA ARG A 84 -3.23 9.73 -14.15
C ARG A 84 -2.40 8.52 -14.61
N SER A 85 -1.10 8.71 -14.80
CA SER A 85 -0.23 7.61 -15.22
C SER A 85 0.45 6.91 -14.03
N ALA A 86 0.36 7.50 -12.84
CA ALA A 86 0.93 6.86 -11.63
C ALA A 86 0.25 5.51 -11.43
N THR A 87 1.03 4.44 -11.50
CA THR A 87 0.48 3.10 -11.55
C THR A 87 1.43 2.15 -10.84
N CYS A 88 1.06 0.87 -10.73
CA CYS A 88 1.93 -0.12 -10.13
C CYS A 88 2.27 -1.17 -11.19
N PRO A 89 3.54 -1.19 -11.68
CA PRO A 89 3.91 -2.17 -12.72
C PRO A 89 3.83 -3.63 -12.28
N MET A 90 4.13 -3.92 -11.01
CA MET A 90 3.91 -5.24 -10.45
C MET A 90 2.43 -5.67 -10.69
N ALA A 91 1.49 -4.89 -10.15
CA ALA A 91 0.04 -5.17 -10.28
C ALA A 91 -0.40 -5.43 -11.73
N ASN A 92 0.06 -4.60 -12.67
CA ASN A 92 -0.34 -4.67 -14.06
C ASN A 92 0.13 -5.95 -14.77
N ARG A 93 1.08 -6.68 -14.16
CA ARG A 93 1.56 -7.95 -14.71
C ARG A 93 0.57 -9.11 -14.53
N LEU A 94 -0.26 -9.05 -13.49
CA LEU A 94 -1.35 -10.01 -13.34
C LEU A 94 -2.55 -9.63 -14.20
N THR A 95 -3.09 -10.62 -14.89
CA THR A 95 -4.12 -10.40 -15.91
C THR A 95 -5.36 -11.24 -15.58
N PRO A 96 -6.55 -10.83 -16.09
CA PRO A 96 -7.73 -11.70 -16.00
C PRO A 96 -7.54 -13.08 -16.65
N GLU A 97 -6.77 -13.17 -17.71
CA GLU A 97 -6.53 -14.46 -18.40
C GLU A 97 -5.80 -15.45 -17.49
N ILE A 98 -4.76 -14.96 -16.81
CA ILE A 98 -4.00 -15.73 -15.81
C ILE A 98 -4.88 -16.20 -14.63
N ILE A 99 -5.70 -15.31 -14.07
CA ILE A 99 -6.65 -15.69 -13.02
C ILE A 99 -7.53 -16.83 -13.53
N ARG A 100 -8.19 -16.63 -14.66
CA ARG A 100 -9.10 -17.63 -15.20
C ARG A 100 -8.42 -18.96 -15.48
N GLU A 101 -7.14 -18.93 -15.81
CA GLU A 101 -6.38 -20.14 -16.10
C GLU A 101 -6.18 -20.95 -14.82
N TYR A 102 -5.88 -20.25 -13.74
CA TYR A 102 -5.55 -20.89 -12.47
C TYR A 102 -6.76 -21.37 -11.68
N ARG A 103 -7.83 -20.58 -11.64
CA ARG A 103 -9.13 -21.08 -11.18
C ARG A 103 -9.48 -22.38 -11.86
N GLU A 104 -9.31 -22.45 -13.19
CA GLU A 104 -9.50 -23.72 -13.93
C GLU A 104 -8.64 -24.86 -13.41
N LYS A 105 -7.34 -24.63 -13.24
CA LYS A 105 -6.46 -25.70 -12.76
C LYS A 105 -6.74 -26.09 -11.31
N PHE A 106 -7.07 -25.11 -10.46
CA PHE A 106 -7.27 -25.34 -9.03
C PHE A 106 -8.62 -24.81 -8.55
N PRO A 107 -9.73 -25.47 -8.95
CA PRO A 107 -11.06 -24.93 -8.67
C PRO A 107 -11.42 -24.89 -7.18
N ASP A 108 -10.72 -25.64 -6.35
CA ASP A 108 -10.96 -25.62 -4.90
C ASP A 108 -10.12 -24.60 -4.14
N ALA A 109 -9.26 -23.86 -4.86
CA ALA A 109 -8.40 -22.86 -4.25
C ALA A 109 -8.97 -21.45 -4.43
N PRO A 110 -9.36 -20.77 -3.35
CA PRO A 110 -9.87 -19.41 -3.50
C PRO A 110 -8.82 -18.43 -4.01
N VAL A 111 -9.26 -17.49 -4.84
CA VAL A 111 -8.36 -16.50 -5.38
C VAL A 111 -8.23 -15.33 -4.39
N VAL A 112 -7.07 -15.27 -3.72
CA VAL A 112 -6.75 -14.19 -2.79
C VAL A 112 -5.90 -13.19 -3.54
N LEU A 113 -6.39 -11.97 -3.61
CA LEU A 113 -5.77 -10.95 -4.40
C LEU A 113 -5.25 -9.84 -3.52
N TYR A 114 -3.95 -9.54 -3.67
CA TYR A 114 -3.28 -8.45 -2.98
C TYR A 114 -3.88 -7.13 -3.43
N VAL A 115 -3.95 -6.17 -2.51
CA VAL A 115 -4.56 -4.87 -2.79
C VAL A 115 -3.88 -4.12 -3.95
N ASN A 116 -2.55 -4.23 -4.06
CA ASN A 116 -1.80 -3.76 -5.23
C ASN A 116 -2.11 -4.69 -6.39
N SER A 117 -3.29 -4.50 -6.96
CA SER A 117 -3.77 -5.26 -8.10
C SER A 117 -4.74 -4.35 -8.82
N THR A 118 -4.96 -4.61 -10.11
CA THR A 118 -5.88 -3.77 -10.86
C THR A 118 -7.29 -3.97 -10.37
N SER A 119 -8.13 -2.96 -10.58
CA SER A 119 -9.52 -3.07 -10.20
C SER A 119 -10.20 -4.11 -11.03
N GLU A 120 -9.79 -4.25 -12.27
CA GLU A 120 -10.37 -5.26 -13.11
C GLU A 120 -10.09 -6.62 -12.52
N CYS A 121 -8.92 -6.79 -11.95
CA CYS A 121 -8.60 -8.05 -11.34
C CYS A 121 -9.37 -8.30 -10.08
N LYS A 122 -9.65 -7.25 -9.36
CA LYS A 122 -10.38 -7.38 -8.14
C LYS A 122 -11.75 -7.99 -8.37
N THR A 123 -12.41 -7.60 -9.46
CA THR A 123 -13.72 -8.14 -9.84
C THR A 123 -13.75 -9.66 -9.95
N LEU A 124 -12.58 -10.27 -10.11
CA LEU A 124 -12.49 -11.71 -10.32
C LEU A 124 -11.98 -12.44 -9.10
N ALA A 125 -11.67 -11.71 -8.03
CA ALA A 125 -11.06 -12.32 -6.86
C ALA A 125 -12.12 -12.78 -5.88
N ASP A 126 -11.79 -13.81 -5.11
CA ASP A 126 -12.64 -14.24 -4.00
C ASP A 126 -12.48 -13.40 -2.75
N VAL A 127 -11.26 -12.96 -2.45
CA VAL A 127 -11.02 -12.08 -1.32
C VAL A 127 -9.82 -11.18 -1.61
N ILE A 128 -9.87 -9.94 -1.13
CA ILE A 128 -8.74 -9.01 -1.22
C ILE A 128 -8.00 -9.10 0.09
N CYS A 129 -6.70 -8.81 0.07
CA CYS A 129 -5.97 -8.66 1.31
C CYS A 129 -4.95 -7.54 1.22
N THR A 130 -4.45 -7.10 2.37
CA THR A 130 -3.33 -6.17 2.47
C THR A 130 -2.12 -6.87 3.09
N SER A 131 -0.96 -6.23 3.00
CA SER A 131 0.25 -6.69 3.68
C SER A 131 0.02 -6.91 5.16
N ALA A 132 -0.78 -6.04 5.80
CA ALA A 132 -1.04 -6.14 7.23
C ALA A 132 -1.98 -7.28 7.63
N ASN A 133 -2.97 -7.61 6.79
CA ASN A 133 -3.93 -8.65 7.15
C ASN A 133 -3.86 -9.97 6.35
N ALA A 134 -2.96 -10.06 5.38
CA ALA A 134 -2.84 -11.24 4.51
C ALA A 134 -2.75 -12.56 5.28
N VAL A 135 -2.09 -12.52 6.43
CA VAL A 135 -1.87 -13.72 7.23
C VAL A 135 -3.18 -14.09 7.92
N GLU A 136 -3.82 -13.10 8.55
CA GLU A 136 -5.12 -13.31 9.19
C GLU A 136 -6.18 -13.80 8.20
N VAL A 137 -6.25 -13.14 7.03
CA VAL A 137 -7.20 -13.45 5.96
C VAL A 137 -7.06 -14.89 5.48
N VAL A 138 -5.84 -15.27 5.09
CA VAL A 138 -5.61 -16.63 4.61
C VAL A 138 -5.82 -17.68 5.72
N LYS A 139 -5.43 -17.37 6.95
CA LYS A 139 -5.67 -18.28 8.09
C LYS A 139 -7.15 -18.57 8.34
N LYS A 140 -8.01 -17.58 8.11
CA LYS A 140 -9.45 -17.70 8.34
C LYS A 140 -10.27 -18.34 7.19
N LEU A 141 -9.72 -18.37 5.98
CA LEU A 141 -10.35 -19.10 4.88
C LEU A 141 -10.40 -20.57 5.22
N ASP A 142 -11.46 -21.25 4.79
CA ASP A 142 -11.60 -22.69 5.01
C ASP A 142 -10.56 -23.52 4.29
N SER A 143 -10.21 -23.14 3.06
CA SER A 143 -9.27 -23.92 2.25
C SER A 143 -7.86 -23.87 2.81
N SER A 144 -7.13 -24.96 2.62
CA SER A 144 -5.73 -25.07 3.04
C SER A 144 -4.80 -24.78 1.87
N VAL A 145 -5.41 -24.50 0.72
CA VAL A 145 -4.69 -24.07 -0.48
C VAL A 145 -5.36 -22.81 -1.03
N VAL A 146 -4.56 -21.79 -1.33
CA VAL A 146 -5.07 -20.58 -2.00
C VAL A 146 -4.26 -20.23 -3.25
N ILE A 147 -4.91 -19.51 -4.17
CA ILE A 147 -4.25 -18.82 -5.27
C ILE A 147 -3.99 -17.39 -4.81
N PHE A 148 -2.72 -16.97 -4.88
CA PHE A 148 -2.32 -15.68 -4.37
C PHE A 148 -1.55 -14.87 -5.39
N GLY A 149 -1.86 -13.58 -5.49
CA GLY A 149 -1.18 -12.70 -6.42
C GLY A 149 -1.43 -11.24 -6.13
N PRO A 150 -0.64 -10.34 -6.76
CA PRO A 150 0.42 -10.64 -7.74
C PRO A 150 1.86 -10.75 -7.17
N ASP A 151 2.04 -10.53 -5.86
CA ASP A 151 3.37 -10.54 -5.24
C ASP A 151 3.76 -11.90 -4.68
N ARG A 152 4.81 -12.50 -5.25
CA ARG A 152 5.29 -13.82 -4.87
C ARG A 152 5.87 -13.86 -3.45
N ASN A 153 6.58 -12.80 -3.07
CA ASN A 153 7.21 -12.76 -1.77
C ASN A 153 6.18 -12.73 -0.66
N LEU A 154 5.23 -11.81 -0.77
CA LEU A 154 4.18 -11.75 0.23
C LEU A 154 3.47 -13.10 0.31
N GLY A 155 3.23 -13.71 -0.84
CA GLY A 155 2.58 -15.01 -0.92
C GLY A 155 3.34 -16.07 -0.18
N GLU A 156 4.65 -16.12 -0.37
CA GLU A 156 5.48 -17.13 0.30
C GLU A 156 5.58 -16.88 1.78
N TYR A 157 5.62 -15.60 2.16
CA TYR A 157 5.55 -15.20 3.56
C TYR A 157 4.26 -15.70 4.21
N VAL A 158 3.15 -15.60 3.47
CA VAL A 158 1.86 -16.06 3.96
C VAL A 158 1.85 -17.58 4.13
N ALA A 159 2.50 -18.29 3.21
CA ALA A 159 2.63 -19.74 3.31
C ALA A 159 3.33 -20.15 4.59
N GLU A 160 4.49 -19.53 4.85
CA GLU A 160 5.29 -19.79 6.04
C GLU A 160 4.45 -19.62 7.31
N LYS A 161 3.75 -18.49 7.41
CA LYS A 161 3.00 -18.11 8.61
C LYS A 161 1.68 -18.89 8.83
N THR A 162 1.03 -19.32 7.76
CA THR A 162 -0.25 -20.03 7.91
C THR A 162 -0.07 -21.54 7.83
N GLY A 163 1.06 -21.97 7.27
CA GLY A 163 1.27 -23.38 6.94
C GLY A 163 0.48 -23.85 5.72
N LYS A 164 -0.34 -22.98 5.15
CA LYS A 164 -1.19 -23.33 4.01
C LYS A 164 -0.42 -23.28 2.70
N LYS A 165 -0.90 -24.03 1.70
CA LYS A 165 -0.26 -24.04 0.40
C LYS A 165 -0.71 -22.83 -0.42
N VAL A 166 0.27 -22.11 -0.97
CA VAL A 166 0.01 -20.83 -1.60
C VAL A 166 0.56 -20.88 -3.01
N ILE A 167 -0.35 -20.90 -3.98
CA ILE A 167 0.02 -20.88 -5.39
C ILE A 167 0.07 -19.44 -5.88
N THR A 168 1.30 -18.97 -6.16
CA THR A 168 1.54 -17.59 -6.58
C THR A 168 1.36 -17.41 -8.08
N ILE A 169 0.76 -16.27 -8.41
CA ILE A 169 0.55 -15.85 -9.79
C ILE A 169 0.77 -14.34 -9.85
N PRO A 170 1.32 -13.83 -10.96
CA PRO A 170 1.86 -14.60 -12.10
C PRO A 170 3.24 -15.20 -11.74
N GLU A 171 4.03 -15.57 -12.73
CA GLU A 171 5.36 -16.05 -12.43
C GLU A 171 6.26 -14.90 -12.05
N ASN A 172 6.93 -15.05 -10.91
CA ASN A 172 7.90 -14.04 -10.43
C ASN A 172 7.32 -12.60 -10.28
N GLY A 173 6.12 -12.49 -9.73
CA GLY A 173 5.56 -11.19 -9.36
C GLY A 173 6.30 -10.59 -8.17
N HIS A 174 6.93 -9.45 -8.37
CA HIS A 174 7.73 -8.84 -7.32
C HIS A 174 7.69 -7.32 -7.41
N CYS A 175 7.92 -6.68 -6.28
CA CYS A 175 8.04 -5.24 -6.23
C CYS A 175 9.52 -4.86 -6.21
N PRO A 176 9.96 -4.02 -7.18
CA PRO A 176 11.38 -3.67 -7.30
C PRO A 176 11.92 -2.87 -6.10
N VAL A 177 11.10 -1.98 -5.55
CA VAL A 177 11.44 -1.15 -4.37
C VAL A 177 11.87 -1.97 -3.15
N HIS A 178 11.31 -3.17 -2.98
CA HIS A 178 11.58 -4.00 -1.81
C HIS A 178 12.62 -5.10 -2.00
N GLN A 179 13.35 -5.08 -3.13
CA GLN A 179 14.42 -6.07 -3.38
C GLN A 179 15.76 -5.62 -2.80
N PHE A 180 15.79 -5.46 -1.48
CA PHE A 180 17.03 -5.22 -0.75
C PHE A 180 17.83 -6.53 -0.74
N ASN A 181 19.10 -6.43 -0.40
CA ASN A 181 19.92 -7.61 -0.25
C ASN A 181 20.29 -7.80 1.20
N ALA A 182 20.44 -9.05 1.60
CA ALA A 182 20.72 -9.42 2.99
C ALA A 182 22.03 -8.81 3.54
N GLU A 183 22.95 -8.50 2.64
CA GLU A 183 24.21 -7.88 3.00
C GLU A 183 23.94 -6.55 3.72
N SER A 184 22.97 -5.79 3.23
CA SER A 184 22.62 -4.52 3.87
C SER A 184 22.32 -4.65 5.35
N ILE A 185 21.63 -5.73 5.74
CA ILE A 185 21.34 -6.04 7.15
C ILE A 185 22.63 -6.36 7.93
N ASP A 186 23.45 -7.28 7.42
CA ASP A 186 24.79 -7.54 7.98
C ASP A 186 25.54 -6.23 8.28
N ALA A 187 25.44 -5.25 7.38
CA ALA A 187 26.15 -3.99 7.49
C ALA A 187 25.62 -3.08 8.60
N VAL A 188 24.30 -2.92 8.69
CA VAL A 188 23.73 -2.10 9.77
C VAL A 188 23.87 -2.75 11.15
N ARG A 189 23.86 -4.07 11.20
CA ARG A 189 24.02 -4.80 12.47
C ARG A 189 25.36 -4.47 13.14
N LYS A 190 26.42 -4.38 12.33
CA LYS A 190 27.75 -4.00 12.78
C LYS A 190 27.78 -2.51 13.13
N LYS A 191 27.14 -1.68 12.30
CA LYS A 191 27.15 -0.23 12.47
C LYS A 191 26.31 0.24 13.67
N TYR A 192 25.10 -0.32 13.81
CA TYR A 192 24.21 -0.05 14.95
C TYR A 192 23.85 -1.37 15.61
N PRO A 193 24.66 -1.85 16.57
CA PRO A 193 24.47 -3.17 17.19
C PRO A 193 23.21 -3.31 18.03
N ASP A 194 22.63 -2.17 18.43
CA ASP A 194 21.42 -2.14 19.23
CA ASP A 194 21.41 -2.19 19.19
C ASP A 194 20.17 -1.75 18.43
N ALA A 195 20.34 -1.46 17.14
CA ALA A 195 19.22 -1.11 16.27
C ALA A 195 18.34 -2.31 15.98
N LYS A 196 17.02 -2.05 15.92
CA LYS A 196 16.05 -3.03 15.43
C LYS A 196 15.78 -2.80 13.96
N VAL A 197 15.83 -3.89 13.19
CA VAL A 197 15.57 -3.87 11.75
C VAL A 197 14.16 -4.38 11.43
N ILE A 198 13.38 -3.51 10.78
CA ILE A 198 12.04 -3.83 10.34
C ILE A 198 12.01 -3.80 8.83
N VAL A 199 11.48 -4.85 8.22
CA VAL A 199 11.41 -4.96 6.76
C VAL A 199 9.99 -5.35 6.33
N HIS A 200 9.64 -5.04 5.08
CA HIS A 200 8.31 -5.30 4.53
C HIS A 200 8.22 -6.78 4.19
N PRO A 201 7.01 -7.39 4.30
CA PRO A 201 6.83 -8.77 3.82
C PRO A 201 7.02 -8.96 2.30
N GLU A 202 6.96 -7.87 1.54
CA GLU A 202 7.29 -7.87 0.12
C GLU A 202 8.77 -8.10 -0.18
N CYS A 203 9.63 -7.98 0.83
CA CYS A 203 11.07 -8.21 0.67
C CYS A 203 11.40 -9.69 0.42
N PRO A 204 12.57 -10.00 -0.20
CA PRO A 204 12.87 -11.43 -0.39
C PRO A 204 13.14 -12.15 0.93
N LYS A 205 12.86 -13.45 0.94
CA LYS A 205 13.01 -14.29 2.13
C LYS A 205 14.30 -14.05 2.95
N PRO A 206 15.50 -14.05 2.30
CA PRO A 206 16.69 -13.84 3.11
C PRO A 206 16.62 -12.55 3.92
N VAL A 207 16.02 -11.49 3.36
CA VAL A 207 15.94 -10.21 4.04
C VAL A 207 14.98 -10.33 5.22
N ARG A 208 13.84 -10.98 5.02
CA ARG A 208 12.87 -11.19 6.09
C ARG A 208 13.51 -11.96 7.26
N ASP A 209 14.17 -13.06 6.95
CA ASP A 209 14.78 -13.92 7.98
C ASP A 209 15.84 -13.24 8.85
N LYS A 210 16.53 -12.22 8.31
CA LYS A 210 17.54 -11.48 9.05
C LYS A 210 17.02 -10.23 9.76
N ALA A 211 15.73 -9.93 9.67
CA ALA A 211 15.17 -8.77 10.35
C ALA A 211 14.59 -9.15 11.70
N ASP A 212 14.54 -8.18 12.61
CA ASP A 212 13.88 -8.37 13.89
C ASP A 212 12.36 -8.41 13.69
N TYR A 213 11.86 -7.60 12.77
CA TYR A 213 10.43 -7.51 12.48
C TYR A 213 10.14 -7.53 10.99
N VAL A 214 9.04 -8.16 10.62
CA VAL A 214 8.50 -8.11 9.29
C VAL A 214 7.13 -7.45 9.40
N GLY A 215 6.92 -6.35 8.72
CA GLY A 215 5.64 -5.67 8.77
C GLY A 215 5.36 -4.77 7.60
N SER A 216 4.06 -4.60 7.31
CA SER A 216 3.59 -3.52 6.46
C SER A 216 3.92 -2.17 7.08
N THR A 217 3.76 -1.11 6.29
CA THR A 217 3.93 0.27 6.76
C THR A 217 3.10 0.59 8.00
N GLY A 218 1.81 0.20 7.97
CA GLY A 218 0.91 0.36 9.13
C GLY A 218 1.40 -0.36 10.38
N GLN A 219 1.99 -1.54 10.19
CA GLN A 219 2.56 -2.28 11.31
C GLN A 219 3.85 -1.66 11.79
N MET A 220 4.65 -1.15 10.85
CA MET A 220 5.88 -0.44 11.19
C MET A 220 5.59 0.70 12.15
N GLU A 221 4.59 1.50 11.83
CA GLU A 221 4.23 2.67 12.58
C GLU A 221 3.89 2.38 14.05
N LYS A 222 3.58 1.11 14.36
CA LYS A 222 3.13 0.72 15.69
C LYS A 222 4.22 0.08 16.54
N ILE A 223 5.25 -0.48 15.89
CA ILE A 223 6.34 -1.16 16.60
C ILE A 223 7.07 -0.29 17.65
N PRO A 224 7.38 0.99 17.35
CA PRO A 224 7.94 1.84 18.41
C PRO A 224 7.00 2.14 19.59
N GLU A 225 5.71 1.84 19.47
CA GLU A 225 4.79 2.00 20.59
C GLU A 225 5.00 0.94 21.67
N ARG A 226 5.56 -0.19 21.27
CA ARG A 226 5.88 -1.28 22.18
C ARG A 226 7.35 -1.67 22.29
N ASP A 227 8.15 -1.36 21.29
CA ASP A 227 9.59 -1.60 21.34
C ASP A 227 10.32 -0.30 21.71
N PRO A 228 11.05 -0.28 22.84
CA PRO A 228 11.68 0.96 23.33
C PRO A 228 12.97 1.40 22.60
N SER A 229 13.45 0.64 21.62
CA SER A 229 14.76 0.90 20.98
CA SER A 229 14.76 0.84 20.95
C SER A 229 14.90 2.31 20.46
N ARG A 230 16.14 2.81 20.50
CA ARG A 230 16.47 4.17 20.09
C ARG A 230 16.50 4.28 18.59
N ILE A 231 16.97 3.21 17.95
CA ILE A 231 17.26 3.21 16.52
C ILE A 231 16.50 2.11 15.81
N PHE A 232 15.85 2.48 14.70
CA PHE A 232 15.16 1.54 13.82
C PHE A 232 15.66 1.63 12.39
N VAL A 233 16.04 0.49 11.83
CA VAL A 233 16.40 0.40 10.43
C VAL A 233 15.16 -0.09 9.69
N ILE A 234 14.79 0.65 8.65
CA ILE A 234 13.51 0.50 7.96
C ILE A 234 13.80 0.02 6.56
N GLY A 235 13.34 -1.18 6.26
CA GLY A 235 13.47 -1.73 4.91
C GLY A 235 12.22 -1.57 4.05
N THR A 236 11.91 -0.33 3.66
CA THR A 236 10.84 -0.04 2.72
C THR A 236 11.18 1.23 1.91
N GLU A 237 10.20 1.72 1.15
CA GLU A 237 10.29 2.94 0.37
C GLU A 237 10.59 4.13 1.31
N ILE A 238 11.47 5.01 0.83
CA ILE A 238 12.05 6.10 1.58
C ILE A 238 11.05 7.05 2.24
N GLY A 239 9.84 7.14 1.69
CA GLY A 239 8.84 8.06 2.20
C GLY A 239 8.32 7.69 3.58
N MET A 240 8.50 6.43 3.98
CA MET A 240 8.10 5.97 5.32
C MET A 240 8.96 6.60 6.42
N ILE A 241 10.24 6.83 6.11
CA ILE A 241 11.19 7.44 7.05
C ILE A 241 10.66 8.78 7.55
N HIS A 242 10.05 9.56 6.67
CA HIS A 242 9.48 10.86 7.03
C HIS A 242 8.24 10.70 7.92
N LYS A 243 7.33 9.80 7.54
CA LYS A 243 6.18 9.41 8.36
C LYS A 243 6.62 9.02 9.78
N LEU A 244 7.57 8.08 9.86
CA LEU A 244 8.06 7.59 11.14
C LEU A 244 8.67 8.69 12.02
N LYS A 245 9.59 9.47 11.47
CA LYS A 245 10.24 10.55 12.19
C LYS A 245 9.24 11.52 12.76
N LYS A 246 8.16 11.72 12.04
CA LYS A 246 7.11 12.62 12.47
C LYS A 246 6.31 12.04 13.63
N LYS A 247 6.07 10.75 13.60
CA LYS A 247 5.28 10.13 14.66
C LYS A 247 6.12 9.85 15.90
N PHE A 248 7.41 9.59 15.70
CA PHE A 248 8.34 9.35 16.80
C PHE A 248 9.59 10.25 16.63
N PRO A 249 9.45 11.54 16.90
CA PRO A 249 10.60 12.41 16.78
C PRO A 249 11.69 12.10 17.79
N ASP A 250 11.37 11.30 18.78
CA ASP A 250 12.30 10.91 19.82
C ASP A 250 13.18 9.74 19.45
N ARG A 251 13.01 9.14 18.28
CA ARG A 251 13.85 8.01 17.86
C ARG A 251 14.53 8.27 16.53
N GLU A 252 15.50 7.43 16.18
CA GLU A 252 16.21 7.54 14.92
C GLU A 252 15.76 6.44 13.94
N PHE A 253 15.50 6.86 12.70
CA PHE A 253 14.99 5.99 11.63
C PHE A 253 15.90 6.04 10.43
N VAL A 254 16.54 4.90 10.18
CA VAL A 254 17.60 4.75 9.19
C VAL A 254 17.09 3.87 8.07
N PRO A 255 17.09 4.36 6.82
CA PRO A 255 16.72 3.48 5.71
C PRO A 255 17.74 2.34 5.57
N LEU A 256 17.24 1.13 5.40
CA LEU A 256 18.11 -0.01 5.16
C LEU A 256 18.96 0.24 3.92
N GLU A 257 18.32 0.70 2.84
CA GLU A 257 18.97 1.26 1.66
C GLU A 257 18.06 2.35 1.13
N MET A 258 18.58 3.19 0.25
CA MET A 258 17.75 4.13 -0.50
C MET A 258 16.94 3.33 -1.52
N ALA A 259 15.61 3.37 -1.35
CA ALA A 259 14.70 2.69 -2.24
C ALA A 259 13.57 3.66 -2.56
N VAL A 260 13.40 3.95 -3.85
CA VAL A 260 12.46 4.98 -4.33
C VAL A 260 11.52 4.36 -5.36
N CYS A 261 10.21 4.44 -5.11
CA CYS A 261 9.20 4.07 -6.11
C CYS A 261 9.06 5.21 -7.11
N VAL A 262 9.40 4.94 -8.37
CA VAL A 262 9.37 5.98 -9.42
C VAL A 262 7.94 6.53 -9.59
N ASN A 263 6.95 5.64 -9.57
CA ASN A 263 5.55 6.01 -9.75
C ASN A 263 4.98 6.84 -8.61
N MET A 264 5.39 6.53 -7.39
CA MET A 264 4.96 7.31 -6.25
C MET A 264 5.52 8.73 -6.33
N LYS A 265 6.70 8.84 -6.91
CA LYS A 265 7.35 10.13 -7.05
C LYS A 265 6.86 10.99 -8.21
N LYS A 266 6.04 10.42 -9.12
CA LYS A 266 5.42 11.21 -10.20
C LYS A 266 4.51 12.34 -9.68
N ASN A 267 4.06 12.24 -8.43
CA ASN A 267 3.27 13.30 -7.80
C ASN A 267 4.20 14.33 -7.18
N THR A 268 4.01 15.58 -7.55
CA THR A 268 4.84 16.70 -7.10
C THR A 268 3.94 17.82 -6.60
N LEU A 269 4.53 18.82 -5.96
CA LEU A 269 3.79 20.04 -5.59
C LEU A 269 3.17 20.73 -6.80
N GLU A 270 3.93 20.81 -7.90
CA GLU A 270 3.47 21.48 -9.12
C GLU A 270 2.19 20.84 -9.70
N ASN A 271 2.22 19.53 -9.94
CA ASN A 271 1.07 18.87 -10.57
C ASN A 271 -0.08 18.64 -9.61
N THR A 272 0.22 18.64 -8.31
CA THR A 272 -0.81 18.70 -7.29
C THR A 272 -1.56 20.04 -7.36
N LEU A 273 -0.80 21.12 -7.52
CA LEU A 273 -1.42 22.42 -7.63
C LEU A 273 -2.32 22.48 -8.84
N HIS A 274 -1.83 22.00 -9.97
CA HIS A 274 -2.65 21.96 -11.18
C HIS A 274 -3.90 21.14 -10.95
N ALA A 275 -3.81 20.04 -10.23
CA ALA A 275 -4.97 19.21 -9.92
C ALA A 275 -6.06 19.99 -9.21
N LEU A 276 -5.70 20.79 -8.21
CA LEU A 276 -6.70 21.57 -7.50
C LEU A 276 -7.25 22.74 -8.32
N GLN A 277 -6.38 23.36 -9.11
CA GLN A 277 -6.79 24.37 -10.08
C GLN A 277 -7.88 23.83 -11.04
N THR A 278 -7.58 22.74 -11.76
CA THR A 278 -8.45 22.21 -12.81
C THR A 278 -9.50 21.23 -12.30
N GLU A 279 -9.37 20.78 -11.06
CA GLU A 279 -10.21 19.74 -10.47
C GLU A 279 -10.20 18.45 -11.29
N SER A 280 -9.01 18.08 -11.78
CA SER A 280 -8.77 16.84 -12.54
C SER A 280 -7.49 16.16 -12.00
N PHE A 281 -7.21 14.88 -12.28
CA PHE A 281 -7.97 14.00 -13.16
C PHE A 281 -8.89 13.08 -12.37
N GLU A 282 -10.15 13.04 -12.77
CA GLU A 282 -11.15 12.31 -12.01
C GLU A 282 -11.03 10.80 -12.22
N VAL A 283 -11.08 10.05 -11.13
CA VAL A 283 -11.06 8.58 -11.15
C VAL A 283 -12.48 8.07 -11.41
N ILE A 284 -12.68 7.49 -12.57
CA ILE A 284 -13.99 7.00 -12.95
C ILE A 284 -13.88 5.53 -13.23
N LEU A 285 -14.82 4.77 -12.67
CA LEU A 285 -14.93 3.34 -12.92
C LEU A 285 -16.33 3.00 -13.36
N PRO A 286 -16.47 1.96 -14.16
CA PRO A 286 -17.80 1.53 -14.57
C PRO A 286 -18.49 1.01 -13.34
N LYS A 287 -19.75 1.34 -13.20
CA LYS A 287 -20.59 0.92 -12.07
C LYS A 287 -20.56 -0.57 -11.80
N GLU A 288 -20.53 -1.38 -12.84
CA GLU A 288 -20.46 -2.81 -12.75
C GLU A 288 -19.11 -3.29 -12.25
N VAL A 289 -18.05 -2.52 -12.49
CA VAL A 289 -16.76 -2.83 -11.94
C VAL A 289 -16.77 -2.59 -10.45
N ILE A 290 -17.34 -1.47 -10.03
CA ILE A 290 -17.47 -1.16 -8.62
C ILE A 290 -18.23 -2.26 -7.89
N GLU A 291 -19.40 -2.56 -8.41
CA GLU A 291 -20.28 -3.63 -7.78
CA GLU A 291 -20.18 -3.62 -7.80
C GLU A 291 -19.52 -5.04 -7.61
N LYS A 292 -18.84 -5.35 -8.70
CA LYS A 292 -18.08 -6.61 -8.66
C LYS A 292 -16.89 -6.62 -7.70
N ALA A 293 -16.08 -5.56 -7.71
CA ALA A 293 -14.87 -5.49 -6.89
C ALA A 293 -15.15 -5.34 -5.39
N LYS A 294 -16.31 -4.79 -5.06
CA LYS A 294 -16.73 -4.63 -3.69
C LYS A 294 -16.90 -5.96 -3.00
N LYS A 295 -17.29 -6.98 -3.74
CA LYS A 295 -17.53 -8.32 -3.15
C LYS A 295 -16.29 -8.86 -2.41
N PRO A 296 -15.13 -9.04 -3.11
CA PRO A 296 -13.99 -9.57 -2.35
C PRO A 296 -13.44 -8.62 -1.27
N ILE A 297 -13.66 -7.31 -1.41
CA ILE A 297 -13.29 -6.35 -0.37
C ILE A 297 -14.16 -6.50 0.88
N LEU A 298 -15.48 -6.56 0.68
CA LEU A 298 -16.42 -6.82 1.79
C LEU A 298 -16.22 -8.16 2.46
N ARG A 299 -15.77 -9.13 1.69
CA ARG A 299 -15.46 -10.44 2.15
C ARG A 299 -14.26 -10.34 3.05
N MET A 300 -13.32 -9.49 2.67
CA MET A 300 -12.15 -9.20 3.50
C MET A 300 -12.52 -8.58 4.84
N PHE A 301 -13.30 -7.50 4.83
CA PHE A 301 -13.81 -6.91 6.09
C PHE A 301 -14.48 -7.94 7.01
N GLU A 302 -15.30 -8.83 6.42
CA GLU A 302 -16.02 -9.86 7.15
C GLU A 302 -15.10 -10.81 7.89
N LEU A 303 -14.02 -11.22 7.25
CA LEU A 303 -13.08 -12.13 7.87
C LEU A 303 -12.30 -11.45 8.98
N MET A 304 -12.14 -10.15 8.85
CA MET A 304 -11.38 -9.39 9.81
C MET A 304 -12.09 -9.10 11.13
N GLY A 305 -13.40 -9.29 11.18
CA GLY A 305 -14.17 -9.03 12.38
FE1 SF4 B . 6.16 -1.63 -4.99
FE2 SF4 B . 5.56 0.85 -6.23
FE3 SF4 B . 4.01 -0.15 -4.11
FE4 SF4 B . 3.99 -1.43 -6.62
S1 SF4 B . 3.27 0.79 -6.18
S2 SF4 B . 4.14 -2.50 -4.38
S3 SF4 B . 6.14 -1.19 -7.35
S4 SF4 B . 6.21 0.54 -4.01
N1 NTM C . 3.14 -1.55 0.93
C2 NTM C . 1.98 -1.10 1.44
C3 NTM C . 0.88 -0.71 0.52
C4 NTM C . 1.12 -0.83 -0.83
C5 NTM C . 2.35 -1.30 -1.28
C6 NTM C . 3.33 -1.65 -0.39
C7 NTM C . 1.88 -1.01 2.94
O1 NTM C . 2.81 -1.44 3.63
O2 NTM C . 0.88 -0.51 3.47
C8 NTM C . -0.44 -0.19 0.94
O3 NTM C . -1.32 -0.97 1.20
O4 NTM C . -0.66 1.01 1.01
CL CL D . -20.06 7.95 -1.28
C3' NHE E . -17.73 -25.41 1.63
C2' NHE E . -16.84 -24.24 1.25
C1' NHE E . -15.72 -24.69 0.34
C6' NHE E . -16.30 -25.35 -0.91
N NHE E . -14.94 -23.56 -0.07
C1 NHE E . -14.41 -22.73 0.97
C2 NHE E . -14.69 -21.28 0.72
S NHE E . -13.46 -20.49 1.43
O1 NHE E . -13.79 -20.21 2.75
O2 NHE E . -12.14 -21.37 1.39
O3 NHE E . -13.30 -19.30 0.74
C5' NHE E . -17.18 -26.53 -0.54
C4' NHE E . -18.30 -26.12 0.40
#